data_6UA3
#
_entry.id   6UA3
#
_cell.length_a   31.096
_cell.length_b   56.408
_cell.length_c   99.461
_cell.angle_alpha   90.000
_cell.angle_beta   90.000
_cell.angle_gamma   90.000
#
_symmetry.space_group_name_H-M   'P 21 21 21'
#
loop_
_entity.id
_entity.type
_entity.pdbx_description
1 polymer 'Induced myeloid leukemia cell differentiation protein Mcl-1'
2 polymer 'modified Bim BH3 peptide'
3 water water
#
loop_
_entity_poly.entity_id
_entity_poly.type
_entity_poly.pdbx_seq_one_letter_code
_entity_poly.pdbx_strand_id
1 'polypeptide(L)'
;GSDELYRQSLEIISRYLREQATGAKDTKPMGRSGATSRKALETLRRVGDGVQRNHETAFQGMLRKLDIKNEDDVKSLSRV
MIHVFSDGVTNWGRIVTLISFGAFVAKHLKTINQESCIEPLAESITDVLVRTKRDWLVKQRGWDGFVEFFHVEDLE
;
A
2 'polypeptide(L)' (ACE)IW(NLE)(AIB)QG(ALC)RRLGDEINAYYARR(NH2) B
#
# COMPACT_ATOMS: atom_id res chain seq x y z
N SER A 2 21.58 -3.58 4.02
CA SER A 2 21.76 -4.66 3.06
C SER A 2 20.44 -5.41 2.83
N ASP A 3 19.37 -4.89 3.41
CA ASP A 3 18.04 -5.48 3.26
C ASP A 3 17.41 -4.86 2.01
N GLU A 4 17.72 -5.44 0.85
CA GLU A 4 17.24 -4.89 -0.41
C GLU A 4 15.73 -4.93 -0.52
N LEU A 5 15.09 -5.98 0.02
CA LEU A 5 13.64 -6.04 -0.05
C LEU A 5 13.00 -4.90 0.74
N TYR A 6 13.55 -4.57 1.91
CA TYR A 6 13.02 -3.43 2.65
C TYR A 6 13.23 -2.14 1.88
N ARG A 7 14.45 -1.92 1.39
CA ARG A 7 14.75 -0.70 0.66
C ARG A 7 13.82 -0.54 -0.54
N GLN A 8 13.67 -1.59 -1.34
CA GLN A 8 12.83 -1.52 -2.52
C GLN A 8 11.38 -1.29 -2.14
N SER A 9 10.90 -2.01 -1.12
CA SER A 9 9.52 -1.85 -0.69
C SER A 9 9.27 -0.42 -0.19
N LEU A 10 10.19 0.12 0.61
CA LEU A 10 10.02 1.48 1.09
C LEU A 10 10.06 2.49 -0.06
N GLU A 11 10.93 2.27 -1.04
CA GLU A 11 11.00 3.15 -2.20
C GLU A 11 9.66 3.22 -2.92
N ILE A 12 9.07 2.05 -3.23
CA ILE A 12 7.81 2.01 -3.97
C ILE A 12 6.70 2.64 -3.15
N ILE A 13 6.57 2.23 -1.89
CA ILE A 13 5.45 2.67 -1.07
C ILE A 13 5.57 4.15 -0.73
N SER A 14 6.77 4.60 -0.37
CA SER A 14 6.94 6.02 -0.05
C SER A 14 6.73 6.89 -1.28
N ARG A 15 7.20 6.45 -2.45
CA ARG A 15 6.98 7.24 -3.65
C ARG A 15 5.48 7.41 -3.94
N TYR A 16 4.71 6.34 -3.80
CA TYR A 16 3.28 6.45 -4.06
C TYR A 16 2.60 7.37 -3.05
N LEU A 17 2.89 7.18 -1.75
CA LEU A 17 2.28 8.06 -0.75
C LEU A 17 2.68 9.52 -0.95
N ARG A 18 3.96 9.75 -1.28
CA ARG A 18 4.42 11.12 -1.49
C ARG A 18 3.72 11.78 -2.67
N GLU A 19 3.66 11.08 -3.81
CA GLU A 19 3.06 11.70 -4.99
C GLU A 19 1.55 11.85 -4.84
N GLN A 20 0.90 10.91 -4.16
CA GLN A 20 -0.52 11.05 -3.87
C GLN A 20 -0.78 12.26 -2.98
N ALA A 21 0.03 12.44 -1.94
CA ALA A 21 -0.21 13.54 -1.00
C ALA A 21 0.09 14.89 -1.62
N THR A 22 1.21 15.01 -2.33
CA THR A 22 1.62 16.28 -2.92
C THR A 22 1.00 16.53 -4.27
N GLY A 23 0.53 15.51 -4.96
CA GLY A 23 0.05 15.64 -6.32
C GLY A 23 1.13 15.75 -7.37
N ALA A 24 2.41 15.63 -6.99
CA ALA A 24 3.50 15.76 -7.93
C ALA A 24 4.33 14.48 -7.93
N LYS A 25 4.53 13.90 -9.10
CA LYS A 25 5.42 12.76 -9.22
C LYS A 25 6.88 13.18 -8.99
N ASP A 26 7.65 12.24 -8.44
CA ASP A 26 9.09 12.38 -8.29
C ASP A 26 9.73 11.92 -9.59
N THR A 27 10.35 12.85 -10.32
CA THR A 27 10.88 12.53 -11.65
C THR A 27 12.31 12.00 -11.62
N LYS A 28 12.87 11.76 -10.43
CA LYS A 28 14.08 10.96 -10.34
C LYS A 28 13.78 9.53 -10.76
N PRO A 29 14.72 8.86 -11.43
CA PRO A 29 14.54 7.42 -11.67
C PRO A 29 14.54 6.65 -10.36
N MET A 30 13.97 5.45 -10.41
CA MET A 30 14.01 4.58 -9.24
C MET A 30 15.44 4.09 -9.00
N GLY A 31 15.68 3.63 -7.78
CA GLY A 31 16.97 3.02 -7.46
C GLY A 31 17.20 1.76 -8.28
N ARG A 32 18.45 1.30 -8.24
CA ARG A 32 18.79 0.14 -9.06
C ARG A 32 17.94 -1.05 -8.66
N SER A 33 17.79 -1.99 -9.60
CA SER A 33 16.61 -2.85 -9.65
C SER A 33 15.40 -2.03 -10.07
N GLY A 34 15.65 -0.98 -10.85
CA GLY A 34 14.64 0.02 -11.14
C GLY A 34 13.57 -0.45 -12.10
N ALA A 35 13.92 -1.37 -13.01
CA ALA A 35 12.90 -1.96 -13.88
C ALA A 35 11.75 -2.50 -13.05
N THR A 36 12.03 -3.40 -12.11
CA THR A 36 10.99 -3.93 -11.25
C THR A 36 10.31 -2.82 -10.46
N SER A 37 11.11 -1.93 -9.86
CA SER A 37 10.53 -0.88 -9.02
C SER A 37 9.69 0.09 -9.84
N ARG A 38 10.16 0.46 -11.03
CA ARG A 38 9.37 1.33 -11.90
C ARG A 38 8.05 0.68 -12.28
N LYS A 39 8.10 -0.59 -12.71
CA LYS A 39 6.86 -1.28 -13.06
C LYS A 39 5.93 -1.40 -11.86
N ALA A 40 6.49 -1.65 -10.68
CA ALA A 40 5.67 -1.79 -9.49
C ALA A 40 4.95 -0.49 -9.16
N LEU A 41 5.66 0.64 -9.23
CA LEU A 41 5.01 1.91 -8.93
C LEU A 41 3.94 2.22 -9.98
N GLU A 42 4.21 1.93 -11.26
CA GLU A 42 3.19 2.12 -12.29
C GLU A 42 1.98 1.25 -12.02
N THR A 43 2.20 -0.02 -11.65
CA THR A 43 1.10 -0.91 -11.31
C THR A 43 0.35 -0.39 -10.09
N LEU A 44 1.08 0.05 -9.08
CA LEU A 44 0.45 0.55 -7.86
C LEU A 44 -0.42 1.77 -8.15
N ARG A 45 0.05 2.68 -9.00
CA ARG A 45 -0.80 3.79 -9.42
C ARG A 45 -2.10 3.29 -10.04
N ARG A 46 -2.00 2.41 -11.04
CA ARG A 46 -3.19 1.94 -11.75
C ARG A 46 -4.17 1.26 -10.80
N VAL A 47 -3.67 0.32 -10.00
CA VAL A 47 -4.54 -0.44 -9.11
C VAL A 47 -4.96 0.40 -7.91
N GLY A 48 -4.00 1.09 -7.30
CA GLY A 48 -4.28 1.86 -6.08
C GLY A 48 -5.23 3.02 -6.32
N ASP A 49 -5.06 3.72 -7.44
CA ASP A 49 -6.01 4.79 -7.76
C ASP A 49 -7.42 4.23 -7.93
N GLY A 50 -7.54 3.06 -8.56
CA GLY A 50 -8.85 2.44 -8.71
C GLY A 50 -9.45 2.03 -7.38
N VAL A 51 -8.64 1.46 -6.49
CA VAL A 51 -9.14 1.05 -5.19
C VAL A 51 -9.66 2.25 -4.41
N GLN A 52 -8.91 3.35 -4.43
CA GLN A 52 -9.32 4.53 -3.67
C GLN A 52 -10.60 5.13 -4.22
N ARG A 53 -10.80 5.07 -5.54
CA ARG A 53 -12.01 5.62 -6.14
C ARG A 53 -13.20 4.70 -5.89
N ASN A 54 -13.01 3.39 -6.10
CA ASN A 54 -14.10 2.43 -5.92
C ASN A 54 -14.52 2.31 -4.46
N HIS A 55 -13.59 2.47 -3.52
CA HIS A 55 -13.84 2.17 -2.12
C HIS A 55 -13.66 3.40 -1.24
N GLU A 56 -13.90 4.59 -1.81
CA GLU A 56 -13.75 5.82 -1.06
C GLU A 56 -14.62 5.83 0.20
N THR A 57 -15.84 5.29 0.10
CA THR A 57 -16.73 5.27 1.25
C THR A 57 -16.15 4.45 2.39
N ALA A 58 -15.65 3.25 2.08
CA ALA A 58 -15.01 2.44 3.12
C ALA A 58 -13.80 3.14 3.71
N PHE A 59 -12.98 3.76 2.85
CA PHE A 59 -11.78 4.43 3.32
C PHE A 59 -12.12 5.66 4.17
N GLN A 60 -13.09 6.45 3.74
CA GLN A 60 -13.47 7.62 4.53
C GLN A 60 -14.03 7.21 5.89
N GLY A 61 -14.82 6.12 5.93
CA GLY A 61 -15.34 5.67 7.20
C GLY A 61 -14.25 5.21 8.15
N MET A 62 -13.28 4.44 7.63
CA MET A 62 -12.19 3.99 8.49
CA MET A 62 -12.17 3.99 8.46
C MET A 62 -11.34 5.17 8.96
N LEU A 63 -11.05 6.12 8.08
CA LEU A 63 -10.26 7.28 8.47
C LEU A 63 -10.98 8.07 9.57
N ARG A 64 -12.28 8.30 9.40
CA ARG A 64 -13.01 9.12 10.36
C ARG A 64 -13.00 8.49 11.74
N LYS A 65 -13.12 7.16 11.81
CA LYS A 65 -13.17 6.50 13.11
C LYS A 65 -11.79 6.39 13.76
N LEU A 66 -10.74 6.24 12.95
CA LEU A 66 -9.39 6.16 13.51
C LEU A 66 -8.88 7.51 14.01
N ASP A 67 -9.40 8.62 13.49
CA ASP A 67 -9.05 9.96 13.95
C ASP A 67 -7.52 10.12 14.00
N ILE A 68 -6.94 10.12 12.81
CA ILE A 68 -5.49 10.20 12.65
C ILE A 68 -5.10 11.68 12.61
N LYS A 69 -4.39 12.13 13.64
CA LYS A 69 -4.02 13.54 13.77
C LYS A 69 -2.53 13.79 13.83
N ASN A 70 -1.72 12.84 14.27
CA ASN A 70 -0.30 13.07 14.47
C ASN A 70 0.44 11.74 14.32
N GLU A 71 1.73 11.75 14.66
CA GLU A 71 2.57 10.57 14.45
C GLU A 71 2.27 9.46 15.44
N ASP A 72 1.71 9.78 16.61
CA ASP A 72 1.30 8.73 17.53
C ASP A 72 0.15 7.91 16.95
N ASP A 73 -0.76 8.57 16.23
CA ASP A 73 -1.87 7.84 15.60
C ASP A 73 -1.38 6.95 14.47
N VAL A 74 -0.28 7.34 13.81
CA VAL A 74 0.30 6.47 12.78
C VAL A 74 0.78 5.17 13.39
N LYS A 75 1.42 5.24 14.56
CA LYS A 75 1.87 4.03 15.24
C LYS A 75 0.68 3.16 15.64
N SER A 76 -0.40 3.77 16.10
CA SER A 76 -1.60 3.00 16.40
C SER A 76 -2.12 2.30 15.16
N LEU A 77 -2.01 2.95 14.00
CA LEU A 77 -2.47 2.33 12.76
C LEU A 77 -1.66 1.08 12.43
N SER A 78 -0.37 1.04 12.81
CA SER A 78 0.45 -0.13 12.54
C SER A 78 -0.14 -1.38 13.20
N ARG A 79 -0.61 -1.24 14.44
CA ARG A 79 -1.27 -2.35 15.12
C ARG A 79 -2.44 -2.88 14.31
N VAL A 80 -3.31 -1.98 13.83
CA VAL A 80 -4.46 -2.41 13.04
C VAL A 80 -4.01 -3.11 11.77
N MET A 81 -2.98 -2.57 11.11
CA MET A 81 -2.57 -3.14 9.84
C MET A 81 -2.05 -4.56 9.98
N ILE A 82 -1.41 -4.89 11.10
CA ILE A 82 -0.96 -6.26 11.31
C ILE A 82 -2.13 -7.23 11.26
N HIS A 83 -3.30 -6.80 11.73
CA HIS A 83 -4.48 -7.66 11.76
C HIS A 83 -5.02 -7.97 10.37
N VAL A 84 -4.52 -7.31 9.33
CA VAL A 84 -4.96 -7.60 7.96
C VAL A 84 -4.57 -9.00 7.53
N PHE A 85 -3.68 -9.66 8.27
CA PHE A 85 -3.25 -11.02 7.93
C PHE A 85 -3.50 -12.01 9.05
N SER A 86 -4.24 -11.62 10.09
CA SER A 86 -4.36 -12.44 11.29
C SER A 86 -5.14 -13.73 11.07
N ASP A 87 -5.88 -13.86 9.97
CA ASP A 87 -6.59 -15.09 9.69
C ASP A 87 -5.74 -16.10 8.92
N GLY A 88 -4.45 -15.84 8.76
CA GLY A 88 -3.57 -16.73 8.05
C GLY A 88 -3.55 -16.55 6.54
N VAL A 89 -4.33 -15.61 6.01
CA VAL A 89 -4.40 -15.38 4.57
C VAL A 89 -3.52 -14.19 4.21
N THR A 90 -2.70 -14.37 3.17
CA THR A 90 -1.94 -13.28 2.58
C THR A 90 -2.18 -13.31 1.08
N ASN A 91 -2.50 -12.15 0.49
CA ASN A 91 -2.62 -12.05 -0.95
C ASN A 91 -2.36 -10.60 -1.36
N TRP A 92 -2.14 -10.42 -2.67
CA TRP A 92 -1.81 -9.09 -3.17
C TRP A 92 -2.98 -8.12 -3.05
N GLY A 93 -4.22 -8.62 -3.09
CA GLY A 93 -5.35 -7.73 -2.90
C GLY A 93 -5.33 -7.04 -1.54
N ARG A 94 -5.05 -7.80 -0.49
CA ARG A 94 -4.95 -7.20 0.84
C ARG A 94 -3.77 -6.24 0.91
N ILE A 95 -2.64 -6.62 0.31
CA ILE A 95 -1.46 -5.78 0.38
C ILE A 95 -1.69 -4.45 -0.34
N VAL A 96 -2.29 -4.50 -1.54
CA VAL A 96 -2.52 -3.25 -2.25
C VAL A 96 -3.61 -2.44 -1.57
N THR A 97 -4.57 -3.08 -0.89
CA THR A 97 -5.57 -2.32 -0.16
C THR A 97 -4.92 -1.56 0.99
N LEU A 98 -3.99 -2.19 1.70
CA LEU A 98 -3.26 -1.51 2.76
C LEU A 98 -2.50 -0.29 2.23
N ILE A 99 -1.78 -0.47 1.11
CA ILE A 99 -0.99 0.64 0.57
C ILE A 99 -1.91 1.74 0.07
N SER A 100 -3.04 1.35 -0.55
CA SER A 100 -3.99 2.34 -1.07
C SER A 100 -4.59 3.16 0.06
N PHE A 101 -4.94 2.51 1.18
CA PHE A 101 -5.41 3.27 2.33
C PHE A 101 -4.30 4.16 2.87
N GLY A 102 -3.05 3.69 2.81
CA GLY A 102 -1.94 4.55 3.18
C GLY A 102 -1.90 5.83 2.38
N ALA A 103 -2.11 5.73 1.06
CA ALA A 103 -2.15 6.93 0.23
C ALA A 103 -3.33 7.80 0.61
N PHE A 104 -4.48 7.18 0.87
CA PHE A 104 -5.67 7.92 1.30
C PHE A 104 -5.39 8.70 2.58
N VAL A 105 -4.74 8.06 3.56
CA VAL A 105 -4.40 8.74 4.80
C VAL A 105 -3.34 9.82 4.55
N ALA A 106 -2.35 9.53 3.70
CA ALA A 106 -1.32 10.52 3.39
C ALA A 106 -1.93 11.81 2.85
N LYS A 107 -2.92 11.68 1.96
CA LYS A 107 -3.60 12.87 1.45
C LYS A 107 -4.30 13.62 2.57
N HIS A 108 -4.92 12.89 3.51
CA HIS A 108 -5.54 13.53 4.66
C HIS A 108 -4.51 14.25 5.52
N LEU A 109 -3.38 13.60 5.79
CA LEU A 109 -2.35 14.23 6.62
C LEU A 109 -1.87 15.53 6.00
N LYS A 110 -1.70 15.57 4.68
CA LYS A 110 -1.28 16.79 4.02
C LYS A 110 -2.31 17.89 4.19
N THR A 111 -3.61 17.56 4.10
CA THR A 111 -4.64 18.57 4.24
C THR A 111 -4.69 19.17 5.64
N ILE A 112 -4.22 18.45 6.66
CA ILE A 112 -4.25 18.97 8.03
C ILE A 112 -2.86 19.42 8.46
N ASN A 113 -2.01 19.76 7.49
CA ASN A 113 -0.67 20.27 7.77
C ASN A 113 0.15 19.31 8.64
N GLN A 114 0.05 18.03 8.34
CA GLN A 114 0.81 16.98 9.01
C GLN A 114 1.64 16.19 8.02
N GLU A 115 2.19 16.87 7.01
CA GLU A 115 3.02 16.20 6.01
C GLU A 115 4.18 15.45 6.65
N SER A 116 4.70 15.95 7.77
CA SER A 116 5.80 15.26 8.45
C SER A 116 5.43 13.84 8.84
N CYS A 117 4.14 13.51 8.86
CA CYS A 117 3.70 12.17 9.24
C CYS A 117 3.69 11.19 8.08
N ILE A 118 3.89 11.67 6.84
CA ILE A 118 3.75 10.79 5.68
C ILE A 118 4.89 9.78 5.62
N GLU A 119 6.12 10.21 5.90
CA GLU A 119 7.24 9.28 5.84
C GLU A 119 7.13 8.22 6.93
N PRO A 120 6.83 8.61 8.18
CA PRO A 120 6.55 7.58 9.20
C PRO A 120 5.44 6.62 8.78
N LEU A 121 4.39 7.13 8.12
CA LEU A 121 3.31 6.27 7.66
C LEU A 121 3.83 5.26 6.63
N ALA A 122 4.61 5.73 5.65
CA ALA A 122 5.15 4.82 4.66
C ALA A 122 6.06 3.78 5.30
N GLU A 123 6.89 4.20 6.24
CA GLU A 123 7.77 3.25 6.93
C GLU A 123 6.96 2.22 7.71
N SER A 124 5.88 2.65 8.36
CA SER A 124 5.06 1.73 9.14
C SER A 124 4.44 0.66 8.24
N ILE A 125 3.88 1.07 7.09
CA ILE A 125 3.31 0.11 6.15
C ILE A 125 4.37 -0.85 5.67
N THR A 126 5.54 -0.32 5.27
CA THR A 126 6.63 -1.18 4.82
C THR A 126 7.06 -2.13 5.93
N ASP A 127 7.15 -1.63 7.16
CA ASP A 127 7.54 -2.46 8.30
C ASP A 127 6.61 -3.67 8.44
N VAL A 128 5.30 -3.42 8.44
CA VAL A 128 4.35 -4.53 8.57
C VAL A 128 4.55 -5.54 7.45
N LEU A 129 4.67 -5.06 6.21
CA LEU A 129 4.77 -5.97 5.08
C LEU A 129 6.06 -6.76 5.10
N VAL A 130 7.20 -6.08 5.25
CA VAL A 130 8.48 -6.74 5.10
C VAL A 130 8.89 -7.46 6.39
N ARG A 131 8.67 -6.85 7.55
CA ARG A 131 9.12 -7.48 8.78
C ARG A 131 8.22 -8.61 9.25
N THR A 132 6.95 -8.67 8.80
CA THR A 132 6.08 -9.74 9.22
C THR A 132 5.61 -10.66 8.10
N LYS A 133 5.75 -10.27 6.83
CA LYS A 133 5.35 -11.14 5.73
C LYS A 133 6.49 -11.33 4.73
N ARG A 134 7.74 -11.17 5.18
CA ARG A 134 8.88 -11.32 4.27
C ARG A 134 8.83 -12.64 3.52
N ASP A 135 8.57 -13.73 4.25
CA ASP A 135 8.67 -15.05 3.64
C ASP A 135 7.66 -15.23 2.51
N TRP A 136 6.43 -14.72 2.71
CA TRP A 136 5.44 -14.78 1.64
C TRP A 136 5.86 -13.94 0.45
N LEU A 137 6.36 -12.73 0.70
CA LEU A 137 6.81 -11.86 -0.37
C LEU A 137 7.88 -12.54 -1.22
N VAL A 138 8.88 -13.13 -0.55
CA VAL A 138 9.96 -13.79 -1.28
C VAL A 138 9.42 -14.92 -2.14
N LYS A 139 8.47 -15.70 -1.60
CA LYS A 139 7.88 -16.79 -2.38
C LYS A 139 7.23 -16.28 -3.66
N GLN A 140 6.67 -15.07 -3.63
CA GLN A 140 6.03 -14.51 -4.82
C GLN A 140 7.01 -13.88 -5.79
N ARG A 141 8.31 -13.91 -5.48
CA ARG A 141 9.29 -13.13 -6.23
C ARG A 141 9.11 -11.64 -5.97
N GLY A 142 8.69 -11.31 -4.75
CA GLY A 142 8.64 -9.92 -4.33
C GLY A 142 7.77 -9.06 -5.23
N TRP A 143 8.30 -7.88 -5.58
CA TRP A 143 7.52 -6.93 -6.35
C TRP A 143 7.34 -7.37 -7.80
N ASP A 144 8.17 -8.29 -8.29
CA ASP A 144 7.89 -8.90 -9.59
C ASP A 144 6.58 -9.67 -9.56
N GLY A 145 6.35 -10.44 -8.49
CA GLY A 145 5.07 -11.13 -8.35
C GLY A 145 3.90 -10.16 -8.31
N PHE A 146 4.08 -9.03 -7.62
CA PHE A 146 3.05 -7.99 -7.57
C PHE A 146 2.71 -7.49 -8.96
N VAL A 147 3.74 -7.17 -9.74
CA VAL A 147 3.54 -6.68 -11.11
C VAL A 147 2.83 -7.74 -11.95
N GLU A 148 3.25 -8.99 -11.84
CA GLU A 148 2.67 -10.01 -12.70
C GLU A 148 1.24 -10.34 -12.30
N PHE A 149 0.92 -10.30 -10.99
CA PHE A 149 -0.44 -10.60 -10.57
C PHE A 149 -1.41 -9.55 -11.07
N PHE A 150 -1.06 -8.27 -10.95
CA PHE A 150 -1.95 -7.19 -11.36
C PHE A 150 -1.83 -6.85 -12.83
N HIS A 151 -1.06 -7.62 -13.59
CA HIS A 151 -1.03 -7.48 -15.04
C HIS A 151 -2.33 -8.02 -15.61
N VAL A 152 -3.14 -7.13 -16.20
CA VAL A 152 -4.39 -7.57 -16.79
C VAL A 152 -4.11 -8.09 -18.19
N GLU A 153 -4.49 -9.35 -18.44
CA GLU A 153 -4.20 -9.99 -19.71
C GLU A 153 -5.16 -9.51 -20.79
N ASP A 154 -4.60 -9.09 -21.92
CA ASP A 154 -5.35 -8.62 -23.08
C ASP A 154 -5.21 -9.68 -24.17
N LEU A 155 -6.15 -10.61 -24.21
CA LEU A 155 -6.09 -11.79 -25.08
C LEU A 155 -7.17 -11.69 -26.14
N GLU A 156 -6.78 -11.34 -27.36
CA GLU A 156 -7.73 -11.22 -28.47
C GLU A 156 -7.91 -12.54 -29.20
N ILE B 2 -8.71 -2.32 16.09
CA ILE B 2 -8.48 -3.65 15.52
C ILE B 2 -9.78 -4.37 15.24
N TRP B 3 -10.89 -3.88 15.79
CA TRP B 3 -12.19 -4.48 15.52
C TRP B 3 -12.59 -4.23 14.05
N GLN B 6 -11.38 -6.83 10.14
CA GLN B 6 -11.99 -7.78 9.22
C GLN B 6 -12.49 -7.06 7.97
N GLY B 7 -12.88 -5.80 8.14
CA GLY B 7 -13.28 -4.98 7.01
C GLY B 7 -12.20 -4.85 5.95
N ARG B 9 -9.67 -6.95 5.61
CA ARG B 9 -9.45 -8.28 5.09
C ARG B 9 -10.47 -8.61 4.00
N ARG B 10 -11.75 -8.30 4.27
CA ARG B 10 -12.78 -8.62 3.29
C ARG B 10 -12.64 -7.75 2.04
N LEU B 11 -12.37 -6.45 2.22
CA LEU B 11 -12.16 -5.60 1.05
C LEU B 11 -10.96 -6.07 0.24
N GLY B 12 -9.86 -6.36 0.92
CA GLY B 12 -8.69 -6.87 0.20
C GLY B 12 -8.98 -8.14 -0.56
N ASP B 13 -9.79 -9.02 0.03
CA ASP B 13 -10.16 -10.26 -0.65
C ASP B 13 -11.07 -10.00 -1.85
N GLU B 14 -11.92 -8.98 -1.78
CA GLU B 14 -12.71 -8.59 -2.95
C GLU B 14 -11.80 -8.13 -4.07
N ILE B 15 -10.82 -7.29 -3.74
CA ILE B 15 -9.89 -6.79 -4.76
C ILE B 15 -9.08 -7.94 -5.34
N ASN B 16 -8.60 -8.85 -4.49
CA ASN B 16 -7.87 -10.01 -5.00
C ASN B 16 -8.76 -10.82 -5.94
N ALA B 17 -10.01 -11.05 -5.54
CA ALA B 17 -10.94 -11.84 -6.37
C ALA B 17 -11.24 -11.14 -7.69
N TYR B 18 -11.31 -9.81 -7.68
CA TYR B 18 -11.55 -9.09 -8.92
C TYR B 18 -10.42 -9.33 -9.92
N TYR B 19 -9.17 -9.17 -9.48
CA TYR B 19 -8.05 -9.33 -10.40
C TYR B 19 -7.73 -10.80 -10.70
N ALA B 20 -8.12 -11.72 -9.81
CA ALA B 20 -7.79 -13.12 -10.04
C ALA B 20 -8.40 -13.64 -11.32
N ARG B 21 -9.53 -13.07 -11.75
CA ARG B 21 -10.15 -13.46 -13.01
C ARG B 21 -9.76 -12.54 -14.17
N ARG B 22 -8.66 -11.79 -14.02
CA ARG B 22 -8.23 -10.85 -15.04
C ARG B 22 -7.06 -11.39 -15.86
#